data_5WXN
#
_entry.id   5WXN
#
_cell.length_a   72.771
_cell.length_b   85.382
_cell.length_c   112.738
_cell.angle_alpha   90.00
_cell.angle_beta   90.00
_cell.angle_gamma   90.00
#
_symmetry.space_group_name_H-M   'P 21 21 21'
#
loop_
_entity.id
_entity.type
_entity.pdbx_description
1 polymer '14-3-3 protein zeta/delta'
2 polymer 'Serine/threonine-protein kinase STK11'
3 water water
#
loop_
_entity_poly.entity_id
_entity_poly.type
_entity_poly.pdbx_seq_one_letter_code
_entity_poly.pdbx_strand_id
1 'polypeptide(L)'
;MSYYHHHHHHLESTSLYKKAGLMDKNELVQKAKLAEQAERYDDMAACMKSVTEQGAELSNEERNLLSVAYKNVVGARRSS
WRVVSSIEQKTEGAEKKQQMAREYREKIETELRDICNDVLSLLEKFLIPNASQAESKVFYLKMKGDYYRYLAEVAAGDDK
KGIVDQSQQAYQEAFEISKKEMQPTHPIRLGLALNFSVFYYEILNSPEKACSLAKTAFDEAIAELDTLSEESYKDSTLIM
QLLRDNLTLWTSDTQGDEAEAGEGGEN
;
A,B
2 'polypeptide(L)' RWRSM(TPO)VVPYLED C,D
#
# COMPACT_ATOMS: atom_id res chain seq x y z
N LEU A 22 8.06 -25.87 5.88
CA LEU A 22 8.40 -24.69 5.08
C LEU A 22 9.64 -24.98 4.21
N MET A 23 9.89 -26.27 3.95
CA MET A 23 10.93 -26.71 3.03
C MET A 23 10.35 -27.17 1.69
N ASP A 24 9.02 -27.31 1.59
CA ASP A 24 8.39 -27.76 0.35
C ASP A 24 8.43 -26.64 -0.69
N LYS A 25 9.04 -26.91 -1.85
CA LYS A 25 9.22 -25.86 -2.84
C LYS A 25 7.88 -25.43 -3.43
N ASN A 26 7.02 -26.39 -3.75
CA ASN A 26 5.72 -26.09 -4.34
C ASN A 26 4.79 -25.43 -3.34
N GLU A 27 5.04 -25.61 -2.04
CA GLU A 27 4.21 -24.97 -1.02
C GLU A 27 4.59 -23.49 -0.86
N LEU A 28 5.88 -23.17 -0.96
CA LEU A 28 6.28 -21.76 -0.90
C LEU A 28 5.71 -20.97 -2.07
N VAL A 29 5.64 -21.59 -3.25
CA VAL A 29 5.00 -20.94 -4.39
C VAL A 29 3.48 -20.84 -4.19
N GLN A 30 2.90 -21.73 -3.40
CA GLN A 30 1.48 -21.59 -3.08
C GLN A 30 1.25 -20.42 -2.14
N LYS A 31 2.11 -20.26 -1.12
CA LYS A 31 1.97 -19.15 -0.19
C LYS A 31 2.19 -17.81 -0.88
N ALA A 32 3.27 -17.70 -1.65
CA ALA A 32 3.51 -16.46 -2.38
C ALA A 32 2.35 -16.10 -3.28
N LYS A 33 1.77 -17.10 -3.96
CA LYS A 33 0.63 -16.81 -4.84
C LYS A 33 -0.55 -16.26 -4.04
N LEU A 34 -0.66 -16.66 -2.77
CA LEU A 34 -1.74 -16.16 -1.90
C LEU A 34 -1.39 -14.82 -1.26
N ALA A 35 -0.17 -14.65 -0.74
CA ALA A 35 0.26 -13.33 -0.28
C ALA A 35 -0.01 -12.27 -1.34
N GLU A 36 0.15 -12.62 -2.62
CA GLU A 36 -0.05 -11.63 -3.68
C GLU A 36 -1.51 -11.19 -3.74
N GLN A 37 -2.44 -12.15 -3.59
CA GLN A 37 -3.85 -11.81 -3.61
C GLN A 37 -4.26 -10.97 -2.40
N ALA A 38 -3.58 -11.15 -1.26
CA ALA A 38 -3.82 -10.34 -0.07
C ALA A 38 -3.07 -9.01 -0.10
N GLU A 39 -2.33 -8.74 -1.18
CA GLU A 39 -1.42 -7.59 -1.31
C GLU A 39 -0.53 -7.44 -0.09
N ARG A 40 0.17 -8.52 0.26
CA ARG A 40 1.23 -8.49 1.25
C ARG A 40 2.55 -8.84 0.54
N TYR A 41 3.16 -7.83 -0.10
CA TYR A 41 4.31 -8.07 -0.96
C TYR A 41 5.60 -8.31 -0.18
N ASP A 42 5.69 -7.97 1.10
CA ASP A 42 6.87 -8.38 1.87
C ASP A 42 6.81 -9.88 2.15
N ASP A 43 5.62 -10.38 2.52
CA ASP A 43 5.42 -11.82 2.69
C ASP A 43 5.70 -12.58 1.40
N MET A 44 5.18 -12.07 0.28
CA MET A 44 5.36 -12.73 -1.00
C MET A 44 6.82 -12.74 -1.43
N ALA A 45 7.56 -11.67 -1.12
CA ALA A 45 8.99 -11.65 -1.45
C ALA A 45 9.74 -12.67 -0.62
N ALA A 46 9.37 -12.85 0.65
CA ALA A 46 10.10 -13.80 1.47
C ALA A 46 9.94 -15.24 0.98
N CYS A 47 8.75 -15.63 0.49
CA CYS A 47 8.58 -16.97 -0.10
C CYS A 47 9.45 -17.15 -1.34
N MET A 48 9.32 -16.25 -2.31
CA MET A 48 10.05 -16.43 -3.56
C MET A 48 11.55 -16.26 -3.38
N LYS A 49 12.02 -15.65 -2.29
CA LYS A 49 13.45 -15.71 -2.04
C LYS A 49 13.85 -17.09 -1.53
N SER A 50 13.01 -17.70 -0.68
CA SER A 50 13.29 -19.05 -0.18
C SER A 50 13.20 -20.08 -1.29
N VAL A 51 12.26 -19.91 -2.21
CA VAL A 51 12.21 -20.76 -3.40
C VAL A 51 13.50 -20.64 -4.20
N THR A 52 14.00 -19.41 -4.38
CA THR A 52 15.20 -19.21 -5.21
C THR A 52 16.45 -19.78 -4.56
N GLU A 53 16.63 -19.56 -3.29
CA GLU A 53 17.81 -20.02 -2.62
C GLU A 53 18.03 -21.48 -2.62
N GLN A 54 17.03 -22.19 -3.03
CA GLN A 54 17.00 -23.64 -3.06
C GLN A 54 17.81 -24.21 -4.22
N GLY A 55 18.57 -23.39 -4.89
CA GLY A 55 19.39 -23.86 -5.98
C GLY A 55 18.63 -23.94 -7.25
N ALA A 56 17.40 -24.34 -7.11
CA ALA A 56 16.41 -24.48 -8.14
C ALA A 56 16.75 -24.33 -9.60
N GLU A 57 16.31 -23.21 -10.16
CA GLU A 57 16.27 -22.65 -11.52
C GLU A 57 14.80 -22.56 -11.62
N LEU A 58 14.29 -21.36 -11.70
CA LEU A 58 12.86 -21.18 -11.55
C LEU A 58 11.93 -21.28 -12.66
N SER A 59 10.74 -21.70 -12.35
CA SER A 59 9.77 -21.85 -13.43
C SER A 59 9.55 -20.49 -14.10
N ASN A 60 8.78 -20.44 -15.17
CA ASN A 60 8.46 -19.13 -15.70
C ASN A 60 7.31 -18.45 -14.98
N GLU A 61 6.50 -19.19 -14.21
CA GLU A 61 5.59 -18.55 -13.27
C GLU A 61 6.29 -18.18 -11.98
N GLU A 62 7.28 -18.98 -11.56
CA GLU A 62 8.01 -18.66 -10.34
C GLU A 62 8.91 -17.44 -10.54
N ARG A 63 9.36 -17.22 -11.78
CA ARG A 63 10.06 -16.00 -12.10
C ARG A 63 9.13 -14.80 -11.99
N ASN A 64 7.91 -14.94 -12.53
CA ASN A 64 6.95 -13.85 -12.54
C ASN A 64 6.56 -13.45 -11.13
N LEU A 65 6.31 -14.43 -10.25
CA LEU A 65 5.93 -14.12 -8.88
C LEU A 65 7.04 -13.40 -8.14
N LEU A 66 8.29 -13.73 -8.44
CA LEU A 66 9.39 -13.10 -7.73
C LEU A 66 9.63 -11.70 -8.25
N SER A 67 9.34 -11.47 -9.54
CA SER A 67 9.36 -10.12 -10.09
C SER A 67 8.33 -9.22 -9.41
N VAL A 68 7.05 -9.61 -9.44
CA VAL A 68 6.01 -8.71 -8.93
C VAL A 68 6.26 -8.41 -7.45
N ALA A 69 6.72 -9.40 -6.69
CA ALA A 69 7.01 -9.25 -5.27
C ALA A 69 8.00 -8.12 -5.07
N TYR A 70 9.24 -8.32 -5.54
CA TYR A 70 10.27 -7.34 -5.26
C TYR A 70 9.99 -6.02 -5.97
N LYS A 71 9.28 -6.07 -7.10
CA LYS A 71 8.93 -4.82 -7.78
C LYS A 71 8.02 -3.97 -6.90
N ASN A 72 6.99 -4.60 -6.32
CA ASN A 72 6.12 -3.91 -5.39
C ASN A 72 6.84 -3.50 -4.11
N VAL A 73 7.70 -4.36 -3.58
CA VAL A 73 8.45 -4.05 -2.37
C VAL A 73 9.36 -2.82 -2.59
N VAL A 74 10.26 -2.90 -3.56
CA VAL A 74 11.15 -1.77 -3.85
C VAL A 74 10.32 -0.58 -4.33
N GLY A 75 9.31 -0.83 -5.18
CA GLY A 75 8.59 0.29 -5.77
C GLY A 75 7.92 1.20 -4.75
N ALA A 76 7.54 0.63 -3.59
CA ALA A 76 6.98 1.45 -2.52
C ALA A 76 8.04 2.38 -1.93
N ARG A 77 9.21 1.82 -1.59
CA ARG A 77 10.32 2.66 -1.13
C ARG A 77 10.73 3.69 -2.19
N ARG A 78 10.67 3.32 -3.47
CA ARG A 78 10.94 4.30 -4.52
C ARG A 78 9.96 5.45 -4.45
N SER A 79 8.69 5.15 -4.24
CA SER A 79 7.68 6.20 -4.29
C SER A 79 7.79 7.11 -3.06
N SER A 80 7.99 6.51 -1.88
CA SER A 80 8.25 7.30 -0.67
C SER A 80 9.46 8.19 -0.85
N TRP A 81 10.54 7.63 -1.40
CA TRP A 81 11.76 8.40 -1.59
C TRP A 81 11.49 9.62 -2.47
N ARG A 82 10.76 9.45 -3.57
CA ARG A 82 10.49 10.62 -4.40
C ARG A 82 9.68 11.69 -3.65
N VAL A 83 8.79 11.27 -2.73
CA VAL A 83 7.95 12.23 -1.99
C VAL A 83 8.75 13.02 -0.96
N VAL A 84 9.58 12.33 -0.17
CA VAL A 84 10.39 12.98 0.85
C VAL A 84 11.55 13.76 0.24
N SER A 85 12.08 13.28 -0.87
CA SER A 85 13.20 13.96 -1.50
C SER A 85 12.76 15.28 -2.12
N SER A 86 11.53 15.34 -2.61
CA SER A 86 11.04 16.59 -3.17
C SER A 86 10.58 17.57 -2.09
N ILE A 87 10.20 17.06 -0.92
CA ILE A 87 9.88 17.96 0.17
C ILE A 87 11.15 18.62 0.69
N GLU A 88 12.22 17.83 0.85
CA GLU A 88 13.50 18.35 1.30
C GLU A 88 14.06 19.41 0.36
N GLN A 89 13.80 19.29 -0.95
CA GLN A 89 14.25 20.33 -1.87
C GLN A 89 13.35 21.56 -1.82
N LYS A 90 12.04 21.36 -1.64
CA LYS A 90 11.13 22.49 -1.50
C LYS A 90 11.24 23.15 -0.12
N THR A 91 12.09 22.62 0.75
CA THR A 91 12.21 23.07 2.13
C THR A 91 13.46 23.93 2.32
N GLU A 92 14.07 24.35 1.21
CA GLU A 92 15.27 25.17 1.31
C GLU A 92 14.90 26.48 1.99
N GLY A 93 15.62 26.83 3.06
CA GLY A 93 15.39 28.04 3.82
C GLY A 93 14.79 27.81 5.19
N ALA A 94 14.12 26.66 5.40
CA ALA A 94 13.54 26.26 6.68
C ALA A 94 14.42 25.17 7.28
N GLU A 95 15.34 25.58 8.17
CA GLU A 95 16.41 24.71 8.59
C GLU A 95 15.89 23.44 9.25
N LYS A 96 14.81 23.55 10.02
CA LYS A 96 14.41 22.39 10.80
C LYS A 96 13.51 21.43 10.04
N LYS A 97 12.74 21.93 9.09
CA LYS A 97 11.98 21.00 8.24
C LYS A 97 12.90 20.29 7.26
N GLN A 98 13.97 20.93 6.84
CA GLN A 98 14.84 20.27 5.86
C GLN A 98 15.77 19.26 6.52
N GLN A 99 16.28 19.57 7.72
CA GLN A 99 17.05 18.57 8.44
C GLN A 99 16.21 17.34 8.77
N MET A 100 14.89 17.50 8.90
CA MET A 100 14.03 16.35 9.20
C MET A 100 13.71 15.58 7.93
N ALA A 101 13.45 16.28 6.83
CA ALA A 101 13.24 15.62 5.56
C ALA A 101 14.51 14.92 5.10
N ARG A 102 15.68 15.50 5.41
CA ARG A 102 16.91 14.81 5.05
C ARG A 102 17.05 13.51 5.84
N GLU A 103 16.80 13.55 7.15
CA GLU A 103 16.98 12.38 7.98
C GLU A 103 15.99 11.28 7.62
N TYR A 104 14.78 11.65 7.19
CA TYR A 104 13.81 10.64 6.76
C TYR A 104 14.18 10.06 5.40
N ARG A 105 14.61 10.92 4.47
CA ARG A 105 15.09 10.44 3.17
C ARG A 105 16.26 9.48 3.36
N GLU A 106 17.21 9.83 4.24
CA GLU A 106 18.30 8.90 4.49
C GLU A 106 17.76 7.57 5.03
N LYS A 107 16.80 7.60 5.97
CA LYS A 107 16.19 6.38 6.51
C LYS A 107 15.54 5.52 5.41
N ILE A 108 14.73 6.14 4.56
CA ILE A 108 14.07 5.42 3.47
C ILE A 108 15.11 4.82 2.54
N GLU A 109 16.22 5.54 2.29
CA GLU A 109 17.20 5.12 1.28
C GLU A 109 17.94 3.86 1.69
N THR A 110 18.26 3.72 2.98
CA THR A 110 18.88 2.46 3.41
C THR A 110 17.93 1.29 3.22
N GLU A 111 16.63 1.48 3.49
CA GLU A 111 15.65 0.43 3.19
C GLU A 111 15.66 0.08 1.72
N LEU A 112 15.60 1.09 0.85
CA LEU A 112 15.69 0.85 -0.60
C LEU A 112 17.01 0.18 -0.96
N ARG A 113 18.11 0.65 -0.39
CA ARG A 113 19.40 0.04 -0.69
C ARG A 113 19.47 -1.41 -0.24
N ASP A 114 18.93 -1.72 0.95
CA ASP A 114 19.03 -3.11 1.43
C ASP A 114 18.13 -4.04 0.64
N ILE A 115 16.99 -3.57 0.14
CA ILE A 115 16.17 -4.37 -0.76
C ILE A 115 16.93 -4.68 -2.04
N CYS A 116 17.62 -3.68 -2.60
CA CYS A 116 18.29 -3.85 -3.87
C CYS A 116 19.51 -4.76 -3.77
N ASN A 117 20.27 -4.64 -2.70
CA ASN A 117 21.38 -5.56 -2.49
C ASN A 117 20.88 -6.96 -2.19
N ASP A 118 19.66 -7.06 -1.65
CA ASP A 118 19.01 -8.34 -1.47
C ASP A 118 18.77 -9.03 -2.82
N VAL A 119 18.20 -8.29 -3.78
CA VAL A 119 17.84 -8.87 -5.08
C VAL A 119 19.09 -9.15 -5.89
N LEU A 120 20.03 -8.22 -5.92
CA LEU A 120 21.22 -8.43 -6.73
C LEU A 120 22.10 -9.54 -6.17
N SER A 121 21.87 -9.94 -4.92
CA SER A 121 22.55 -11.10 -4.37
C SER A 121 21.91 -12.40 -4.86
N LEU A 122 20.58 -12.40 -5.02
CA LEU A 122 19.90 -13.53 -5.65
C LEU A 122 20.33 -13.69 -7.10
N LEU A 123 20.53 -12.58 -7.80
CA LEU A 123 20.78 -12.67 -9.23
C LEU A 123 22.19 -13.15 -9.53
N GLU A 124 23.15 -12.83 -8.67
CA GLU A 124 24.51 -13.28 -8.92
C GLU A 124 24.78 -14.69 -8.38
N LYS A 125 24.11 -15.08 -7.30
CA LYS A 125 24.41 -16.37 -6.70
C LYS A 125 23.52 -17.49 -7.20
N PHE A 126 22.34 -17.17 -7.73
CA PHE A 126 21.39 -18.20 -8.12
C PHE A 126 20.82 -18.01 -9.53
N LEU A 127 20.37 -16.81 -9.86
CA LEU A 127 19.51 -16.65 -11.02
C LEU A 127 20.29 -16.58 -12.33
N ILE A 128 21.36 -15.80 -12.37
CA ILE A 128 22.16 -15.66 -13.59
C ILE A 128 23.06 -16.86 -13.83
N PRO A 129 23.46 -17.50 -12.74
CA PRO A 129 24.31 -18.63 -12.77
C PRO A 129 23.65 -19.89 -13.16
N ASN A 130 22.36 -20.06 -13.02
CA ASN A 130 21.72 -21.22 -13.49
C ASN A 130 21.38 -20.85 -14.89
N ALA A 131 20.20 -20.39 -15.19
CA ALA A 131 19.90 -19.90 -16.54
C ALA A 131 20.32 -20.69 -17.77
N SER A 132 19.64 -21.78 -17.99
CA SER A 132 19.92 -22.61 -19.10
C SER A 132 19.66 -21.88 -20.37
N GLN A 133 18.45 -21.41 -20.53
CA GLN A 133 18.02 -20.72 -21.72
C GLN A 133 18.60 -19.34 -21.98
N ALA A 134 18.20 -18.72 -23.08
CA ALA A 134 18.52 -17.34 -23.43
C ALA A 134 17.40 -16.38 -23.07
N GLU A 135 16.15 -16.84 -23.17
CA GLU A 135 15.03 -16.05 -22.69
C GLU A 135 15.25 -15.66 -21.24
N SER A 136 15.69 -16.61 -20.42
CA SER A 136 15.92 -16.32 -19.00
C SER A 136 17.17 -15.47 -18.80
N LYS A 137 18.27 -15.78 -19.49
CA LYS A 137 19.49 -15.00 -19.26
C LYS A 137 19.25 -13.52 -19.50
N VAL A 138 18.60 -13.17 -20.61
CA VAL A 138 18.29 -11.77 -20.88
C VAL A 138 17.39 -11.20 -19.79
N PHE A 139 16.34 -11.94 -19.39
CA PHE A 139 15.42 -11.46 -18.36
C PHE A 139 16.16 -11.09 -17.09
N TYR A 140 17.03 -11.99 -16.61
CA TYR A 140 17.71 -11.69 -15.37
C TYR A 140 18.82 -10.65 -15.51
N LEU A 141 19.36 -10.44 -16.72
CA LEU A 141 20.35 -9.38 -16.77
C LEU A 141 19.74 -8.01 -17.03
N LYS A 142 18.54 -7.94 -17.59
CA LYS A 142 17.82 -6.68 -17.53
C LYS A 142 17.41 -6.39 -16.08
N MET A 143 16.98 -7.43 -15.36
CA MET A 143 16.63 -7.28 -13.95
C MET A 143 17.83 -6.78 -13.14
N LYS A 144 19.04 -7.25 -13.47
CA LYS A 144 20.24 -6.73 -12.82
C LYS A 144 20.43 -5.26 -13.17
N GLY A 145 20.27 -4.92 -14.45
CA GLY A 145 20.38 -3.53 -14.85
C GLY A 145 19.37 -2.64 -14.13
N ASP A 146 18.12 -3.11 -14.04
CA ASP A 146 17.06 -2.38 -13.35
C ASP A 146 17.46 -2.05 -11.91
N TYR A 147 17.74 -3.08 -11.11
CA TYR A 147 18.01 -2.87 -9.69
C TYR A 147 19.34 -2.16 -9.42
N TYR A 148 20.28 -2.11 -10.38
CA TYR A 148 21.39 -1.18 -10.18
C TYR A 148 20.96 0.25 -10.50
N ARG A 149 19.96 0.41 -11.31
CA ARG A 149 19.45 1.69 -11.65
C ARG A 149 18.74 2.21 -10.49
N TYR A 150 17.93 1.40 -9.92
CA TYR A 150 17.26 1.83 -8.70
C TYR A 150 18.29 2.36 -7.70
N LEU A 151 19.46 1.73 -7.66
CA LEU A 151 20.52 2.19 -6.76
C LEU A 151 21.10 3.51 -7.24
N ALA A 152 21.19 3.69 -8.55
CA ALA A 152 21.71 4.94 -9.11
C ALA A 152 20.72 6.08 -8.91
N GLU A 153 19.41 5.79 -8.97
CA GLU A 153 18.39 6.78 -8.67
C GLU A 153 18.59 7.40 -7.29
N VAL A 154 19.30 6.68 -6.44
CA VAL A 154 19.51 7.06 -5.05
C VAL A 154 20.97 7.35 -4.73
N ALA A 155 21.91 6.82 -5.50
CA ALA A 155 23.32 6.96 -5.21
C ALA A 155 23.78 8.40 -5.36
N ALA A 156 24.72 8.80 -4.50
CA ALA A 156 25.30 10.12 -4.53
C ALA A 156 26.81 10.04 -4.44
N GLY A 157 27.49 10.91 -5.21
CA GLY A 157 28.93 11.04 -5.12
C GLY A 157 29.72 9.76 -5.32
N ASP A 158 30.66 9.54 -4.39
CA ASP A 158 31.65 8.46 -4.34
C ASP A 158 31.25 7.17 -5.06
N ASP A 159 30.16 6.55 -4.64
CA ASP A 159 29.84 5.24 -5.17
C ASP A 159 28.90 5.28 -6.37
N LYS A 160 28.36 6.45 -6.73
CA LYS A 160 27.43 6.52 -7.87
C LYS A 160 28.10 6.09 -9.17
N LYS A 161 29.27 6.66 -9.49
CA LYS A 161 29.92 6.35 -10.76
C LYS A 161 29.94 4.85 -11.04
N GLY A 162 30.30 4.06 -10.01
CA GLY A 162 30.40 2.63 -10.20
C GLY A 162 29.05 1.96 -10.28
N ILE A 163 28.06 2.47 -9.53
CA ILE A 163 26.71 1.92 -9.56
C ILE A 163 26.06 2.12 -10.91
N VAL A 164 26.36 3.23 -11.58
CA VAL A 164 25.78 3.45 -12.91
C VAL A 164 26.45 2.52 -13.91
N ASP A 165 27.78 2.38 -13.82
CA ASP A 165 28.51 1.53 -14.73
C ASP A 165 28.06 0.08 -14.59
N GLN A 166 27.66 -0.34 -13.39
CA GLN A 166 27.27 -1.73 -13.20
C GLN A 166 25.93 -2.02 -13.84
N SER A 167 25.02 -1.06 -13.80
CA SER A 167 23.73 -1.16 -14.47
C SER A 167 23.90 -1.14 -15.99
N GLN A 168 24.86 -0.36 -16.49
CA GLN A 168 24.98 -0.29 -17.94
C GLN A 168 25.61 -1.55 -18.52
N GLN A 169 26.49 -2.21 -17.77
CA GLN A 169 27.08 -3.46 -18.23
C GLN A 169 26.10 -4.63 -18.14
N ALA A 170 25.13 -4.57 -17.24
CA ALA A 170 24.06 -5.57 -17.23
C ALA A 170 23.14 -5.39 -18.42
N TYR A 171 22.67 -4.15 -18.64
CA TYR A 171 21.79 -3.90 -19.77
C TYR A 171 22.45 -4.28 -21.09
N GLN A 172 23.73 -3.95 -21.25
CA GLN A 172 24.32 -4.10 -22.57
C GLN A 172 24.57 -5.57 -22.90
N GLU A 173 24.79 -6.40 -21.88
CA GLU A 173 24.91 -7.84 -22.14
C GLU A 173 23.57 -8.40 -22.58
N ALA A 174 22.52 -8.12 -21.81
CA ALA A 174 21.18 -8.55 -22.20
C ALA A 174 20.76 -7.97 -23.55
N PHE A 175 21.14 -6.72 -23.85
CA PHE A 175 20.78 -6.14 -25.15
C PHE A 175 21.46 -6.90 -26.29
N GLU A 176 22.71 -7.28 -26.11
CA GLU A 176 23.41 -8.01 -27.17
C GLU A 176 22.86 -9.41 -27.33
N ILE A 177 22.60 -10.11 -26.21
CA ILE A 177 22.01 -11.46 -26.30
C ILE A 177 20.64 -11.39 -26.97
N SER A 178 19.88 -10.31 -26.73
CA SER A 178 18.50 -10.20 -27.22
C SER A 178 18.46 -9.88 -28.70
N LYS A 179 19.34 -9.00 -29.19
CA LYS A 179 19.42 -8.81 -30.63
C LYS A 179 19.74 -10.10 -31.36
N LYS A 180 20.56 -10.96 -30.74
CA LYS A 180 21.05 -12.19 -31.38
C LYS A 180 20.01 -13.31 -31.33
N GLU A 181 19.48 -13.62 -30.16
CA GLU A 181 18.69 -14.81 -29.96
C GLU A 181 17.17 -14.59 -29.89
N MET A 182 16.66 -13.36 -30.03
CA MET A 182 15.21 -13.11 -29.95
C MET A 182 14.67 -12.21 -31.05
N GLN A 183 13.38 -12.39 -31.34
CA GLN A 183 12.59 -11.63 -32.30
C GLN A 183 12.32 -10.22 -31.77
N PRO A 184 12.21 -9.22 -32.64
CA PRO A 184 12.08 -7.83 -32.16
C PRO A 184 10.78 -7.54 -31.42
N THR A 185 9.85 -8.49 -31.41
CA THR A 185 8.53 -8.38 -30.77
C THR A 185 8.44 -9.05 -29.40
N HIS A 186 9.43 -9.86 -29.01
CA HIS A 186 9.31 -10.56 -27.76
C HIS A 186 9.17 -9.55 -26.65
N PRO A 187 8.16 -9.65 -25.79
CA PRO A 187 8.01 -8.69 -24.71
C PRO A 187 9.29 -8.56 -23.88
N ILE A 188 10.12 -9.59 -23.84
CA ILE A 188 11.33 -9.49 -23.05
C ILE A 188 12.36 -8.63 -23.77
N ARG A 189 12.40 -8.68 -25.11
CA ARG A 189 13.34 -7.82 -25.83
C ARG A 189 12.85 -6.39 -25.95
N LEU A 190 11.52 -6.17 -26.06
CA LEU A 190 11.05 -4.78 -26.06
C LEU A 190 11.01 -4.19 -24.64
N GLY A 191 10.80 -5.03 -23.63
CA GLY A 191 10.92 -4.57 -22.27
C GLY A 191 12.32 -4.16 -21.93
N LEU A 192 13.30 -4.67 -22.60
CA LEU A 192 14.66 -4.28 -22.31
C LEU A 192 14.91 -3.02 -23.01
N ALA A 193 14.43 -2.91 -24.19
CA ALA A 193 14.62 -1.65 -24.90
C ALA A 193 14.00 -0.50 -24.13
N LEU A 194 12.78 -0.70 -23.62
CA LEU A 194 12.10 0.37 -22.91
C LEU A 194 12.88 0.82 -21.69
N ASN A 195 13.31 -0.14 -20.87
CA ASN A 195 14.03 0.21 -19.66
C ASN A 195 15.41 0.74 -19.95
N PHE A 196 16.08 0.16 -20.96
CA PHE A 196 17.41 0.65 -21.36
C PHE A 196 17.32 2.09 -21.83
N SER A 197 16.34 2.39 -22.72
CA SER A 197 16.12 3.78 -23.14
C SER A 197 15.90 4.70 -21.93
N VAL A 198 15.17 4.24 -20.91
CA VAL A 198 14.90 5.07 -19.74
C VAL A 198 16.19 5.31 -18.95
N PHE A 199 17.05 4.29 -18.87
CA PHE A 199 18.37 4.45 -18.26
C PHE A 199 19.18 5.54 -18.95
N TYR A 200 19.18 5.55 -20.27
CA TYR A 200 19.91 6.59 -20.97
C TYR A 200 19.35 7.96 -20.63
N TYR A 201 18.02 8.08 -20.65
CA TYR A 201 17.38 9.37 -20.42
C TYR A 201 17.46 9.77 -18.96
N GLU A 202 17.06 8.89 -18.05
CA GLU A 202 16.94 9.34 -16.66
C GLU A 202 18.21 9.16 -15.85
N ILE A 203 19.22 8.43 -16.33
CA ILE A 203 20.40 8.21 -15.48
C ILE A 203 21.65 8.77 -16.13
N LEU A 204 21.75 8.72 -17.42
CA LEU A 204 22.92 9.22 -18.06
C LEU A 204 22.70 10.50 -18.76
N ASN A 205 21.53 11.04 -18.71
N ASN A 205 21.44 11.01 -18.65
CA ASN A 205 21.20 12.28 -19.32
CA ASN A 205 21.12 12.26 -19.27
C ASN A 205 21.57 12.40 -20.75
C ASN A 205 21.49 12.38 -20.70
N SER A 206 21.32 11.39 -21.54
CA SER A 206 21.63 11.42 -22.93
C SER A 206 20.36 11.09 -23.61
N PRO A 207 19.62 12.08 -24.00
CA PRO A 207 18.34 11.90 -24.58
C PRO A 207 18.33 11.53 -25.94
N GLU A 208 19.40 11.66 -26.65
CA GLU A 208 19.38 11.33 -28.03
C GLU A 208 19.62 9.89 -28.25
N LYS A 209 20.36 9.26 -27.37
CA LYS A 209 20.56 7.87 -27.47
C LYS A 209 19.29 7.27 -27.00
N ALA A 210 18.76 7.77 -25.91
CA ALA A 210 17.55 7.17 -25.35
C ALA A 210 16.44 7.10 -26.40
N CYS A 211 16.25 8.15 -27.18
CA CYS A 211 15.21 8.09 -28.21
C CYS A 211 15.62 7.27 -29.42
N SER A 212 16.92 7.25 -29.77
CA SER A 212 17.32 6.38 -30.87
C SER A 212 17.06 4.92 -30.51
N LEU A 213 17.27 4.56 -29.25
CA LEU A 213 17.09 3.18 -28.83
C LEU A 213 15.61 2.82 -28.81
N ALA A 214 14.77 3.65 -28.20
CA ALA A 214 13.33 3.38 -28.20
C ALA A 214 12.74 3.36 -29.60
N LYS A 215 13.09 4.34 -30.43
CA LYS A 215 12.54 4.38 -31.77
C LYS A 215 12.97 3.16 -32.60
N THR A 216 14.25 2.75 -32.46
CA THR A 216 14.76 1.59 -33.22
C THR A 216 14.06 0.31 -32.79
N ALA A 217 13.97 0.07 -31.48
CA ALA A 217 13.22 -1.07 -30.97
C ALA A 217 11.79 -1.09 -31.51
N PHE A 218 11.17 0.08 -31.54
CA PHE A 218 9.79 0.19 -31.99
C PHE A 218 9.68 -0.12 -33.47
N ASP A 219 10.45 0.58 -34.31
CA ASP A 219 10.30 0.43 -35.75
C ASP A 219 10.72 -0.97 -36.20
N GLU A 220 11.68 -1.58 -35.50
CA GLU A 220 12.04 -2.97 -35.75
C GLU A 220 10.92 -3.92 -35.36
N ALA A 221 10.07 -3.53 -34.41
CA ALA A 221 8.98 -4.40 -33.98
C ALA A 221 7.76 -4.31 -34.90
N ILE A 222 7.40 -3.11 -35.36
CA ILE A 222 6.30 -3.05 -36.33
C ILE A 222 6.74 -3.69 -37.63
N ALA A 223 8.03 -3.59 -37.96
CA ALA A 223 8.53 -4.12 -39.23
C ALA A 223 8.27 -5.62 -39.36
N GLU A 224 8.29 -6.34 -38.25
CA GLU A 224 8.14 -7.79 -38.25
C GLU A 224 7.01 -8.19 -37.30
N LEU A 225 5.79 -7.68 -37.60
CA LEU A 225 4.56 -8.05 -36.89
C LEU A 225 4.02 -9.41 -37.32
N ASP A 226 4.67 -10.06 -38.30
CA ASP A 226 4.35 -11.45 -38.62
C ASP A 226 4.59 -12.37 -37.43
N THR A 227 5.58 -12.05 -36.61
CA THR A 227 6.08 -12.90 -35.54
C THR A 227 5.39 -12.66 -34.18
N LEU A 228 4.17 -12.15 -34.18
CA LEU A 228 3.40 -12.02 -32.96
C LEU A 228 2.61 -13.30 -32.67
N SER A 229 2.58 -13.69 -31.40
CA SER A 229 1.97 -14.93 -30.93
C SER A 229 0.49 -14.75 -30.57
N GLU A 230 -0.23 -15.87 -30.56
CA GLU A 230 -1.61 -15.84 -30.08
C GLU A 230 -1.66 -15.55 -28.58
N GLU A 231 -0.55 -15.80 -27.89
CA GLU A 231 -0.44 -15.61 -26.45
C GLU A 231 0.20 -14.28 -26.05
N SER A 232 1.17 -13.78 -26.83
N SER A 232 1.16 -13.77 -26.84
CA SER A 232 1.94 -12.60 -26.44
CA SER A 232 1.94 -12.60 -26.44
C SER A 232 1.56 -11.33 -27.17
C SER A 232 1.56 -11.33 -27.17
N TYR A 233 0.65 -11.39 -28.15
CA TYR A 233 0.40 -10.20 -28.97
C TYR A 233 -0.12 -9.05 -28.11
N LYS A 234 -0.93 -9.34 -27.09
CA LYS A 234 -1.39 -8.28 -26.18
C LYS A 234 -0.22 -7.66 -25.41
N ASP A 235 0.67 -8.49 -24.85
CA ASP A 235 1.73 -7.99 -23.99
C ASP A 235 2.81 -7.25 -24.77
N SER A 236 3.12 -7.66 -26.00
CA SER A 236 4.14 -6.93 -26.75
C SER A 236 3.57 -5.67 -27.38
N THR A 237 2.31 -5.70 -27.79
CA THR A 237 1.63 -4.50 -28.26
C THR A 237 1.55 -3.44 -27.16
N LEU A 238 1.41 -3.88 -25.91
CA LEU A 238 1.42 -2.93 -24.80
C LEU A 238 2.77 -2.22 -24.70
N ILE A 239 3.87 -3.00 -24.70
CA ILE A 239 5.19 -2.39 -24.58
C ILE A 239 5.49 -1.50 -25.78
N MET A 240 5.05 -1.88 -26.98
CA MET A 240 5.33 -1.00 -28.11
C MET A 240 4.70 0.37 -27.91
N GLN A 241 3.55 0.43 -27.25
CA GLN A 241 2.93 1.73 -26.97
C GLN A 241 3.72 2.52 -25.94
N LEU A 242 4.28 1.85 -24.91
CA LEU A 242 5.08 2.57 -23.94
C LEU A 242 6.40 3.06 -24.49
N LEU A 243 6.94 2.37 -25.51
CA LEU A 243 8.12 2.89 -26.21
C LEU A 243 7.77 4.23 -26.86
N ARG A 244 6.66 4.28 -27.57
CA ARG A 244 6.37 5.52 -28.27
C ARG A 244 5.75 6.57 -27.35
N ASP A 245 5.40 6.20 -26.12
CA ASP A 245 4.95 7.20 -25.16
C ASP A 245 6.10 7.84 -24.41
N ASN A 246 7.12 7.06 -24.04
CA ASN A 246 8.33 7.67 -23.52
C ASN A 246 8.96 8.52 -24.60
N LEU A 247 8.85 8.09 -25.86
CA LEU A 247 9.35 8.90 -26.96
C LEU A 247 8.66 10.25 -27.01
N THR A 248 7.34 10.26 -27.06
CA THR A 248 6.59 11.53 -27.15
C THR A 248 6.86 12.41 -25.94
N LEU A 249 7.03 11.81 -24.77
CA LEU A 249 7.34 12.56 -23.56
C LEU A 249 8.71 13.24 -23.67
N TRP A 250 9.70 12.50 -24.16
CA TRP A 250 11.10 12.93 -24.15
C TRP A 250 11.38 14.02 -25.17
N THR A 251 10.51 14.20 -26.16
CA THR A 251 10.70 15.17 -27.23
C THR A 251 9.99 16.49 -26.95
N SER A 252 9.61 16.76 -25.71
CA SER A 252 9.14 18.10 -25.34
C SER A 252 9.95 18.68 -24.16
N MET B 23 12.55 12.34 22.62
CA MET B 23 11.79 13.14 21.66
C MET B 23 10.92 14.22 22.37
N ASP B 24 10.18 15.00 21.57
CA ASP B 24 9.33 16.08 22.05
C ASP B 24 8.14 16.22 21.10
N LYS B 25 6.99 16.60 21.66
CA LYS B 25 5.71 16.49 20.94
C LYS B 25 5.71 17.27 19.62
N ASN B 26 6.29 18.48 19.59
CA ASN B 26 6.18 19.28 18.38
C ASN B 26 6.89 18.64 17.20
N GLU B 27 7.99 17.90 17.46
CA GLU B 27 8.75 17.24 16.40
C GLU B 27 8.13 15.91 15.98
N LEU B 28 7.56 15.15 16.91
CA LEU B 28 6.94 13.87 16.56
C LEU B 28 5.73 14.07 15.64
N VAL B 29 4.92 15.12 15.88
CA VAL B 29 3.83 15.40 14.95
C VAL B 29 4.35 15.88 13.62
N GLN B 30 5.53 16.51 13.59
CA GLN B 30 6.13 16.88 12.30
C GLN B 30 6.60 15.63 11.56
N LYS B 31 7.26 14.69 12.27
CA LYS B 31 7.71 13.47 11.59
C LYS B 31 6.51 12.65 11.12
N ALA B 32 5.54 12.42 12.02
CA ALA B 32 4.33 11.67 11.66
C ALA B 32 3.60 12.33 10.50
N LYS B 33 3.56 13.67 10.48
CA LYS B 33 2.99 14.39 9.34
C LYS B 33 3.78 14.14 8.06
N LEU B 34 5.09 13.80 8.18
CA LEU B 34 5.94 13.50 7.03
C LEU B 34 5.76 12.07 6.53
N ALA B 35 5.77 11.11 7.47
CA ALA B 35 5.42 9.74 7.17
C ALA B 35 4.09 9.65 6.45
N GLU B 36 3.14 10.53 6.76
CA GLU B 36 1.83 10.41 6.12
C GLU B 36 1.93 10.74 4.63
N GLN B 37 2.64 11.83 4.28
CA GLN B 37 2.80 12.17 2.88
C GLN B 37 3.62 11.11 2.13
N ALA B 38 4.54 10.45 2.83
CA ALA B 38 5.32 9.37 2.30
C ALA B 38 4.56 8.06 2.26
N GLU B 39 3.29 8.08 2.68
CA GLU B 39 2.40 6.92 2.83
C GLU B 39 3.10 5.74 3.48
N ARG B 40 3.80 6.02 4.58
CA ARG B 40 4.36 4.96 5.40
C ARG B 40 3.63 5.05 6.74
N TYR B 41 2.46 4.39 6.80
CA TYR B 41 1.57 4.61 7.93
C TYR B 41 2.00 3.88 9.19
N ASP B 42 2.88 2.87 9.12
CA ASP B 42 3.36 2.28 10.37
C ASP B 42 4.28 3.25 11.10
N ASP B 43 5.13 3.97 10.35
CA ASP B 43 5.95 5.03 10.93
C ASP B 43 5.08 6.11 11.56
N MET B 44 4.08 6.57 10.80
CA MET B 44 3.22 7.64 11.28
C MET B 44 2.48 7.23 12.55
N ALA B 45 2.10 5.95 12.65
CA ALA B 45 1.43 5.46 13.84
C ALA B 45 2.37 5.36 15.01
N ALA B 46 3.62 4.89 14.80
CA ALA B 46 4.51 4.78 15.94
C ALA B 46 4.81 6.14 16.56
N CYS B 47 4.85 7.20 15.73
CA CYS B 47 5.01 8.57 16.24
C CYS B 47 3.83 8.96 17.11
N MET B 48 2.61 8.80 16.59
CA MET B 48 1.43 9.23 17.31
C MET B 48 1.14 8.38 18.55
N LYS B 49 1.71 7.17 18.65
CA LYS B 49 1.65 6.46 19.93
C LYS B 49 2.62 7.06 20.94
N SER B 50 3.76 7.55 20.47
CA SER B 50 4.73 8.17 21.37
C SER B 50 4.25 9.51 21.90
N VAL B 51 3.60 10.33 21.06
CA VAL B 51 2.97 11.56 21.52
C VAL B 51 1.88 11.25 22.55
N THR B 52 1.07 10.22 22.29
CA THR B 52 -0.01 9.87 23.20
C THR B 52 0.54 9.37 24.53
N GLU B 53 1.59 8.53 24.49
CA GLU B 53 2.16 8.00 25.72
C GLU B 53 2.85 9.05 26.58
N GLN B 54 2.77 10.34 26.21
CA GLN B 54 3.27 11.42 27.02
C GLN B 54 2.23 11.96 27.99
N GLY B 55 1.01 11.43 27.97
CA GLY B 55 -0.04 11.81 28.91
C GLY B 55 -0.97 12.95 28.56
N ALA B 56 -0.44 14.04 28.00
CA ALA B 56 -1.24 15.22 27.70
C ALA B 56 -2.29 14.93 26.63
N GLU B 57 -3.45 15.57 26.78
CA GLU B 57 -4.50 15.47 25.80
C GLU B 57 -4.04 16.09 24.48
N LEU B 58 -4.49 15.50 23.36
CA LEU B 58 -4.01 15.79 22.02
C LEU B 58 -4.85 16.87 21.33
N SER B 59 -4.19 17.61 20.43
CA SER B 59 -4.81 18.66 19.63
C SER B 59 -5.96 18.11 18.78
N ASN B 60 -6.67 19.03 18.12
CA ASN B 60 -7.63 18.54 17.15
C ASN B 60 -6.94 18.19 15.84
N GLU B 61 -5.70 18.64 15.65
CA GLU B 61 -4.83 18.13 14.59
C GLU B 61 -4.10 16.87 14.99
N GLU B 62 -3.68 16.76 16.25
CA GLU B 62 -3.03 15.53 16.67
C GLU B 62 -4.04 14.40 16.75
N ARG B 63 -5.29 14.74 16.76
CA ARG B 63 -6.28 13.72 16.80
C ARG B 63 -6.37 13.13 15.47
N ASN B 64 -6.56 13.93 14.47
CA ASN B 64 -6.74 13.36 13.13
C ASN B 64 -5.57 12.46 12.74
N LEU B 65 -4.33 12.86 13.05
CA LEU B 65 -3.17 12.09 12.62
C LEU B 65 -3.15 10.70 13.24
N LEU B 66 -3.57 10.57 14.49
CA LEU B 66 -3.46 9.25 15.07
C LEU B 66 -4.60 8.35 14.59
N SER B 67 -5.75 8.96 14.27
CA SER B 67 -6.79 8.24 13.56
C SER B 67 -6.29 7.75 12.20
N VAL B 68 -5.81 8.68 11.37
CA VAL B 68 -5.43 8.33 10.01
C VAL B 68 -4.36 7.25 10.02
N ALA B 69 -3.39 7.35 10.93
CA ALA B 69 -2.32 6.37 11.01
C ALA B 69 -2.87 4.97 11.22
N TYR B 70 -3.48 4.73 12.37
CA TYR B 70 -3.87 3.35 12.71
C TYR B 70 -4.99 2.84 11.81
N LYS B 71 -5.86 3.72 11.32
CA LYS B 71 -6.92 3.15 10.51
C LYS B 71 -6.33 2.64 9.17
N ASN B 72 -5.37 3.38 8.62
CA ASN B 72 -4.59 2.87 7.49
C ASN B 72 -3.81 1.63 7.89
N VAL B 73 -3.21 1.62 9.09
CA VAL B 73 -2.49 0.42 9.51
C VAL B 73 -3.45 -0.77 9.61
N VAL B 74 -4.50 -0.62 10.44
CA VAL B 74 -5.49 -1.70 10.65
C VAL B 74 -6.27 -2.00 9.37
N GLY B 75 -6.71 -0.97 8.64
CA GLY B 75 -7.53 -1.21 7.46
C GLY B 75 -6.86 -2.09 6.40
N ALA B 76 -5.52 -2.06 6.34
CA ALA B 76 -4.81 -2.98 5.46
C ALA B 76 -4.98 -4.42 5.91
N ARG B 77 -4.78 -4.69 7.20
CA ARG B 77 -5.02 -6.03 7.73
C ARG B 77 -6.47 -6.48 7.53
N ARG B 78 -7.42 -5.55 7.69
CA ARG B 78 -8.81 -5.85 7.41
C ARG B 78 -9.01 -6.29 5.96
N SER B 79 -8.37 -5.61 5.01
CA SER B 79 -8.63 -5.93 3.61
C SER B 79 -7.99 -7.27 3.24
N SER B 80 -6.77 -7.50 3.71
CA SER B 80 -6.12 -8.78 3.51
C SER B 80 -6.95 -9.90 4.13
N TRP B 81 -7.45 -9.70 5.34
CA TRP B 81 -8.22 -10.75 6.02
C TRP B 81 -9.44 -11.19 5.21
N ARG B 82 -10.22 -10.23 4.69
CA ARG B 82 -11.41 -10.58 3.92
C ARG B 82 -11.05 -11.35 2.65
N VAL B 83 -9.92 -11.02 2.02
CA VAL B 83 -9.53 -11.73 0.80
C VAL B 83 -9.12 -13.15 1.13
N VAL B 84 -8.33 -13.32 2.18
CA VAL B 84 -7.86 -14.65 2.57
C VAL B 84 -8.98 -15.49 3.18
N SER B 85 -9.92 -14.87 3.89
CA SER B 85 -11.03 -15.64 4.46
C SER B 85 -11.99 -16.12 3.38
N SER B 86 -12.14 -15.37 2.28
CA SER B 86 -13.02 -15.78 1.20
C SER B 86 -12.42 -16.89 0.35
N ILE B 87 -11.09 -16.94 0.26
CA ILE B 87 -10.42 -18.05 -0.39
C ILE B 87 -10.52 -19.30 0.47
N GLU B 88 -10.35 -19.15 1.79
CA GLU B 88 -10.42 -20.30 2.68
C GLU B 88 -11.80 -20.96 2.65
N GLN B 89 -12.86 -20.18 2.40
CA GLN B 89 -14.19 -20.76 2.25
C GLN B 89 -14.39 -21.40 0.86
N LYS B 90 -13.87 -20.79 -0.20
CA LYS B 90 -14.01 -21.37 -1.54
C LYS B 90 -13.14 -22.61 -1.78
N THR B 91 -12.34 -23.05 -0.81
CA THR B 91 -11.33 -24.09 -1.03
C THR B 91 -11.74 -25.45 -0.46
N GLU B 92 -13.01 -25.61 -0.11
CA GLU B 92 -13.47 -26.85 0.52
C GLU B 92 -13.27 -28.05 -0.40
N GLY B 93 -12.64 -29.11 0.14
CA GLY B 93 -12.38 -30.34 -0.59
C GLY B 93 -10.92 -30.66 -0.87
N ALA B 94 -10.03 -29.66 -0.91
CA ALA B 94 -8.59 -29.88 -1.07
C ALA B 94 -7.92 -29.58 0.27
N GLU B 95 -7.65 -30.65 1.04
CA GLU B 95 -7.26 -30.50 2.44
C GLU B 95 -5.96 -29.70 2.59
N LYS B 96 -5.02 -29.89 1.66
CA LYS B 96 -3.71 -29.26 1.82
C LYS B 96 -3.73 -27.80 1.36
N LYS B 97 -4.63 -27.46 0.44
CA LYS B 97 -4.83 -26.06 0.08
C LYS B 97 -5.64 -25.30 1.12
N GLN B 98 -6.53 -25.96 1.86
CA GLN B 98 -7.32 -25.24 2.85
C GLN B 98 -6.57 -25.07 4.17
N GLN B 99 -5.82 -26.11 4.59
CA GLN B 99 -4.99 -25.98 5.78
C GLN B 99 -3.96 -24.88 5.60
N MET B 100 -3.58 -24.60 4.35
CA MET B 100 -2.60 -23.57 4.02
C MET B 100 -3.21 -22.18 4.08
N ALA B 101 -4.44 -22.02 3.58
CA ALA B 101 -5.15 -20.76 3.71
C ALA B 101 -5.56 -20.47 5.16
N ARG B 102 -5.88 -21.50 5.95
CA ARG B 102 -6.29 -21.26 7.34
C ARG B 102 -5.16 -20.66 8.16
N GLU B 103 -3.95 -21.20 8.03
CA GLU B 103 -2.82 -20.77 8.86
C GLU B 103 -2.38 -19.35 8.52
N TYR B 104 -2.50 -18.93 7.26
CA TYR B 104 -2.17 -17.55 6.90
C TYR B 104 -3.20 -16.57 7.44
N ARG B 105 -4.47 -16.94 7.36
CA ARG B 105 -5.52 -16.09 7.93
C ARG B 105 -5.28 -15.85 9.41
N GLU B 106 -4.92 -16.91 10.15
CA GLU B 106 -4.64 -16.72 11.57
C GLU B 106 -3.45 -15.80 11.79
N LYS B 107 -2.40 -15.93 10.97
CA LYS B 107 -1.28 -14.99 11.08
C LYS B 107 -1.75 -13.56 10.83
N ILE B 108 -2.52 -13.36 9.75
CA ILE B 108 -3.03 -12.03 9.42
C ILE B 108 -3.92 -11.51 10.52
N GLU B 109 -4.78 -12.36 11.06
CA GLU B 109 -5.72 -11.85 12.05
C GLU B 109 -5.04 -11.65 13.39
N THR B 110 -4.01 -12.44 13.69
CA THR B 110 -3.24 -12.19 14.90
C THR B 110 -2.58 -10.82 14.84
N GLU B 111 -2.01 -10.48 13.69
CA GLU B 111 -1.51 -9.12 13.45
C GLU B 111 -2.61 -8.09 13.66
N LEU B 112 -3.81 -8.36 13.14
CA LEU B 112 -4.96 -7.47 13.35
C LEU B 112 -5.31 -7.34 14.82
N ARG B 113 -5.34 -8.47 15.54
CA ARG B 113 -5.72 -8.39 16.95
C ARG B 113 -4.76 -7.51 17.73
N ASP B 114 -3.47 -7.60 17.44
CA ASP B 114 -2.50 -6.81 18.20
C ASP B 114 -2.62 -5.32 17.87
N ILE B 115 -2.99 -4.99 16.63
CA ILE B 115 -3.25 -3.60 16.29
C ILE B 115 -4.41 -3.03 17.09
N CYS B 116 -5.50 -3.79 17.22
CA CYS B 116 -6.67 -3.29 17.91
C CYS B 116 -6.44 -3.19 19.41
N ASN B 117 -5.73 -4.16 19.98
CA ASN B 117 -5.41 -4.08 21.40
C ASN B 117 -4.41 -2.97 21.68
N ASP B 118 -3.56 -2.65 20.69
CA ASP B 118 -2.66 -1.50 20.82
C ASP B 118 -3.46 -0.21 20.96
N VAL B 119 -4.47 -0.03 20.10
CA VAL B 119 -5.27 1.19 20.09
C VAL B 119 -6.17 1.27 21.31
N LEU B 120 -6.86 0.17 21.65
CA LEU B 120 -7.78 0.24 22.78
C LEU B 120 -7.07 0.41 24.12
N SER B 121 -5.77 0.10 24.20
CA SER B 121 -5.02 0.38 25.42
C SER B 121 -4.61 1.85 25.52
N LEU B 122 -4.29 2.48 24.39
CA LEU B 122 -4.13 3.92 24.41
C LEU B 122 -5.42 4.62 24.82
N LEU B 123 -6.58 4.10 24.41
CA LEU B 123 -7.82 4.81 24.73
C LEU B 123 -8.22 4.64 26.19
N GLU B 124 -7.95 3.49 26.79
CA GLU B 124 -8.36 3.33 28.18
C GLU B 124 -7.37 3.98 29.14
N LYS B 125 -6.08 4.02 28.80
CA LYS B 125 -5.14 4.57 29.77
C LYS B 125 -4.79 6.05 29.54
N PHE B 126 -4.99 6.58 28.33
CA PHE B 126 -4.58 7.96 28.02
C PHE B 126 -5.68 8.81 27.39
N LEU B 127 -6.35 8.27 26.36
CA LEU B 127 -7.17 9.13 25.49
C LEU B 127 -8.54 9.43 26.07
N ILE B 128 -9.27 8.40 26.52
CA ILE B 128 -10.60 8.59 27.09
C ILE B 128 -10.50 9.32 28.43
N PRO B 129 -9.68 8.88 29.40
CA PRO B 129 -9.66 9.59 30.70
C PRO B 129 -9.23 11.05 30.64
N ASN B 130 -8.39 11.46 29.69
CA ASN B 130 -7.97 12.85 29.59
C ASN B 130 -8.79 13.64 28.57
N ALA B 131 -9.91 13.09 28.11
CA ALA B 131 -10.80 13.76 27.17
C ALA B 131 -11.62 14.75 27.99
N SER B 132 -11.27 16.04 27.88
N SER B 132 -11.26 16.04 27.89
CA SER B 132 -11.89 17.06 28.73
CA SER B 132 -11.88 17.06 28.72
C SER B 132 -13.33 17.34 28.30
C SER B 132 -13.32 17.32 28.31
N GLN B 133 -13.53 17.68 27.04
CA GLN B 133 -14.79 18.19 26.55
C GLN B 133 -15.66 17.06 25.97
N ALA B 134 -16.83 17.43 25.45
CA ALA B 134 -17.73 16.40 24.93
C ALA B 134 -17.39 16.03 23.49
N GLU B 135 -16.89 16.98 22.68
CA GLU B 135 -16.45 16.63 21.34
C GLU B 135 -15.45 15.49 21.39
N SER B 136 -14.48 15.57 22.30
CA SER B 136 -13.47 14.52 22.41
C SER B 136 -14.03 13.26 23.04
N LYS B 137 -14.81 13.38 24.12
CA LYS B 137 -15.36 12.20 24.78
C LYS B 137 -16.17 11.35 23.81
N VAL B 138 -17.01 11.99 22.98
CA VAL B 138 -17.73 11.27 21.95
C VAL B 138 -16.78 10.69 20.90
N PHE B 139 -15.85 11.51 20.42
CA PHE B 139 -14.94 11.04 19.36
C PHE B 139 -14.15 9.84 19.82
N TYR B 140 -13.51 9.92 20.97
CA TYR B 140 -12.68 8.80 21.41
C TYR B 140 -13.51 7.59 21.83
N LEU B 141 -14.80 7.76 22.17
CA LEU B 141 -15.56 6.56 22.48
C LEU B 141 -16.19 5.93 21.26
N LYS B 142 -16.38 6.71 20.19
CA LYS B 142 -16.71 6.10 18.91
C LYS B 142 -15.54 5.30 18.38
N MET B 143 -14.33 5.84 18.55
CA MET B 143 -13.13 5.10 18.16
C MET B 143 -13.03 3.78 18.92
N LYS B 144 -13.41 3.77 20.20
CA LYS B 144 -13.40 2.53 20.95
C LYS B 144 -14.39 1.53 20.34
N GLY B 145 -15.60 1.99 20.03
CA GLY B 145 -16.58 1.10 19.42
C GLY B 145 -16.11 0.55 18.09
N ASP B 146 -15.54 1.40 17.25
CA ASP B 146 -14.99 0.97 15.97
C ASP B 146 -13.97 -0.16 16.17
N TYR B 147 -12.95 0.10 16.97
CA TYR B 147 -11.89 -0.88 17.12
C TYR B 147 -12.33 -2.10 17.90
N TYR B 148 -13.46 -2.07 18.61
CA TYR B 148 -13.98 -3.35 19.07
C TYR B 148 -14.76 -4.06 17.95
N ARG B 149 -15.45 -3.30 17.10
CA ARG B 149 -16.12 -3.87 15.94
C ARG B 149 -15.14 -4.50 14.97
N TYR B 150 -13.97 -3.88 14.77
CA TYR B 150 -12.95 -4.52 13.95
C TYR B 150 -12.61 -5.89 14.54
N LEU B 151 -12.52 -5.98 15.86
CA LEU B 151 -12.26 -7.26 16.52
C LEU B 151 -13.45 -8.20 16.40
N ALA B 152 -14.67 -7.66 16.41
CA ALA B 152 -15.84 -8.50 16.22
C ALA B 152 -15.93 -9.02 14.80
N GLU B 153 -15.51 -8.22 13.81
CA GLU B 153 -15.50 -8.67 12.42
C GLU B 153 -14.75 -9.98 12.24
N VAL B 154 -13.83 -10.32 13.15
CA VAL B 154 -12.96 -11.44 12.98
C VAL B 154 -13.12 -12.49 14.08
N ALA B 155 -13.67 -12.10 15.25
CA ALA B 155 -13.71 -12.98 16.41
C ALA B 155 -14.64 -14.15 16.18
N ALA B 156 -14.23 -15.31 16.70
CA ALA B 156 -15.00 -16.54 16.65
C ALA B 156 -14.98 -17.21 18.01
N GLY B 157 -14.98 -18.54 18.01
CA GLY B 157 -14.94 -19.28 19.26
C GLY B 157 -16.09 -18.83 20.13
N ASP B 158 -15.78 -18.58 21.41
CA ASP B 158 -16.78 -18.17 22.37
C ASP B 158 -16.58 -16.73 22.82
N ASP B 159 -15.63 -16.03 22.20
CA ASP B 159 -15.24 -14.69 22.60
C ASP B 159 -15.92 -13.59 21.81
N LYS B 160 -16.69 -13.95 20.77
CA LYS B 160 -17.40 -12.93 19.98
C LYS B 160 -18.37 -12.15 20.85
N LYS B 161 -19.22 -12.89 21.60
CA LYS B 161 -20.28 -12.31 22.42
C LYS B 161 -19.79 -11.14 23.28
N GLY B 162 -18.64 -11.33 23.95
CA GLY B 162 -18.12 -10.27 24.82
C GLY B 162 -17.53 -9.10 24.06
N ILE B 163 -16.86 -9.37 22.94
CA ILE B 163 -16.28 -8.28 22.15
C ILE B 163 -17.37 -7.43 21.53
N VAL B 164 -18.52 -8.02 21.18
CA VAL B 164 -19.54 -7.27 20.46
C VAL B 164 -20.24 -6.29 21.40
N ASP B 165 -20.65 -6.76 22.58
CA ASP B 165 -21.37 -5.84 23.45
C ASP B 165 -20.44 -4.75 23.97
N GLN B 166 -19.14 -5.02 24.10
CA GLN B 166 -18.30 -3.92 24.54
C GLN B 166 -18.13 -2.86 23.46
N SER B 167 -18.19 -3.26 22.20
CA SER B 167 -18.25 -2.26 21.13
C SER B 167 -19.57 -1.49 21.17
N GLN B 168 -20.67 -2.16 21.54
CA GLN B 168 -21.94 -1.46 21.56
C GLN B 168 -22.06 -0.54 22.77
N GLN B 169 -21.44 -0.89 23.90
CA GLN B 169 -21.50 -0.02 25.07
C GLN B 169 -20.63 1.22 24.88
N ALA B 170 -19.58 1.13 24.06
CA ALA B 170 -18.82 2.32 23.69
C ALA B 170 -19.64 3.21 22.77
N TYR B 171 -20.23 2.63 21.73
CA TYR B 171 -21.06 3.41 20.81
C TYR B 171 -22.23 4.06 21.54
N GLN B 172 -22.90 3.30 22.41
CA GLN B 172 -24.15 3.83 22.95
C GLN B 172 -23.86 4.95 23.95
N GLU B 173 -22.73 4.87 24.65
CA GLU B 173 -22.37 5.96 25.55
C GLU B 173 -22.07 7.22 24.76
N ALA B 174 -21.22 7.09 23.75
CA ALA B 174 -20.89 8.23 22.91
C ALA B 174 -22.15 8.77 22.22
N PHE B 175 -23.06 7.88 21.81
CA PHE B 175 -24.29 8.31 21.15
C PHE B 175 -25.13 9.20 22.06
N GLU B 176 -25.26 8.82 23.34
CA GLU B 176 -26.11 9.58 24.24
C GLU B 176 -25.54 10.95 24.51
N ILE B 177 -24.22 11.05 24.70
CA ILE B 177 -23.59 12.35 24.89
C ILE B 177 -23.80 13.22 23.63
N SER B 178 -23.84 12.59 22.45
CA SER B 178 -23.93 13.33 21.19
C SER B 178 -25.34 13.87 20.97
N LYS B 179 -26.36 13.03 21.19
CA LYS B 179 -27.74 13.50 21.13
C LYS B 179 -27.98 14.63 22.14
N LYS B 180 -27.28 14.58 23.29
CA LYS B 180 -27.42 15.61 24.31
C LYS B 180 -26.56 16.85 24.01
N GLU B 181 -25.25 16.66 23.79
CA GLU B 181 -24.29 17.76 23.81
C GLU B 181 -23.86 18.27 22.42
N MET B 182 -24.37 17.73 21.32
CA MET B 182 -23.97 18.16 19.98
C MET B 182 -25.16 18.30 19.05
N GLN B 183 -25.01 19.20 18.01
CA GLN B 183 -26.03 19.49 17.02
C GLN B 183 -26.03 18.47 15.89
N PRO B 184 -27.17 18.24 15.23
CA PRO B 184 -27.29 17.11 14.29
C PRO B 184 -26.38 17.21 13.09
N THR B 185 -25.74 18.35 12.87
CA THR B 185 -24.83 18.54 11.75
C THR B 185 -23.36 18.38 12.12
N HIS B 186 -23.02 18.33 13.41
CA HIS B 186 -21.61 18.25 13.81
C HIS B 186 -20.99 17.00 13.15
N PRO B 187 -19.85 17.16 12.46
CA PRO B 187 -19.28 16.00 11.77
C PRO B 187 -19.02 14.82 12.68
N ILE B 188 -18.74 15.05 13.96
CA ILE B 188 -18.45 13.93 14.84
C ILE B 188 -19.74 13.24 15.26
N ARG B 189 -20.85 13.98 15.34
CA ARG B 189 -22.11 13.30 15.67
C ARG B 189 -22.67 12.55 14.46
N LEU B 190 -22.48 13.06 13.24
CA LEU B 190 -22.91 12.31 12.07
C LEU B 190 -21.94 11.17 11.76
N GLY B 191 -20.69 11.29 12.19
CA GLY B 191 -19.79 10.16 12.07
C GLY B 191 -20.19 9.01 12.98
N LEU B 192 -20.64 9.33 14.20
CA LEU B 192 -21.09 8.28 15.11
C LEU B 192 -22.36 7.59 14.60
N ALA B 193 -23.29 8.36 14.05
CA ALA B 193 -24.47 7.76 13.47
C ALA B 193 -24.11 6.82 12.33
N LEU B 194 -23.24 7.26 11.43
CA LEU B 194 -22.89 6.44 10.28
C LEU B 194 -22.24 5.13 10.71
N ASN B 195 -21.29 5.19 11.65
CA ASN B 195 -20.59 3.99 12.08
C ASN B 195 -21.46 3.09 12.96
N PHE B 196 -22.26 3.68 13.85
CA PHE B 196 -23.16 2.88 14.69
C PHE B 196 -24.21 2.18 13.83
N SER B 197 -24.82 2.94 12.92
CA SER B 197 -25.75 2.38 11.95
C SER B 197 -25.14 1.17 11.24
N VAL B 198 -23.86 1.24 10.90
CA VAL B 198 -23.17 0.11 10.27
C VAL B 198 -22.94 -1.02 11.26
N PHE B 199 -22.69 -0.69 12.54
CA PHE B 199 -22.58 -1.74 13.56
C PHE B 199 -23.86 -2.56 13.64
N TYR B 200 -25.01 -1.88 13.67
CA TYR B 200 -26.28 -2.58 13.74
C TYR B 200 -26.46 -3.48 12.52
N TYR B 201 -26.08 -3.02 11.34
CA TYR B 201 -26.32 -3.79 10.13
C TYR B 201 -25.37 -4.98 10.02
N GLU B 202 -24.07 -4.72 10.06
CA GLU B 202 -23.10 -5.77 9.73
C GLU B 202 -22.63 -6.56 10.94
N ILE B 203 -22.95 -6.16 12.17
CA ILE B 203 -22.46 -6.91 13.32
C ILE B 203 -23.63 -7.44 14.15
N LEU B 204 -24.78 -6.77 14.11
CA LEU B 204 -25.94 -7.18 14.90
C LEU B 204 -27.09 -7.72 14.07
N ASN B 205 -26.93 -7.83 12.75
CA ASN B 205 -27.96 -8.25 11.81
C ASN B 205 -29.33 -7.63 12.09
N SER B 206 -29.36 -6.36 12.54
CA SER B 206 -30.59 -5.61 12.74
C SER B 206 -30.73 -4.49 11.72
N PRO B 207 -31.12 -4.78 10.49
CA PRO B 207 -31.24 -3.70 9.50
C PRO B 207 -32.22 -2.62 9.90
N GLU B 208 -33.24 -2.93 10.70
CA GLU B 208 -34.28 -1.93 10.94
C GLU B 208 -33.83 -0.86 11.94
N LYS B 209 -33.16 -1.23 13.04
CA LYS B 209 -32.52 -0.21 13.87
C LYS B 209 -31.44 0.51 13.07
N ALA B 210 -30.69 -0.23 12.26
CA ALA B 210 -29.61 0.33 11.48
C ALA B 210 -30.12 1.39 10.48
N CYS B 211 -31.23 1.11 9.78
CA CYS B 211 -31.71 2.13 8.85
C CYS B 211 -32.48 3.23 9.55
N SER B 212 -33.24 2.90 10.61
CA SER B 212 -33.92 3.96 11.33
C SER B 212 -32.92 4.94 11.92
N LEU B 213 -31.78 4.42 12.38
CA LEU B 213 -30.80 5.29 13.01
C LEU B 213 -30.13 6.19 11.98
N ALA B 214 -29.67 5.62 10.86
CA ALA B 214 -29.10 6.42 9.78
C ALA B 214 -30.12 7.39 9.18
N LYS B 215 -31.37 6.94 8.96
CA LYS B 215 -32.33 7.85 8.35
C LYS B 215 -32.63 9.03 9.27
N THR B 216 -32.76 8.80 10.58
CA THR B 216 -33.03 9.92 11.48
C THR B 216 -31.83 10.87 11.53
N ALA B 217 -30.62 10.33 11.68
CA ALA B 217 -29.41 11.14 11.63
C ALA B 217 -29.35 11.99 10.36
N PHE B 218 -29.75 11.43 9.22
CA PHE B 218 -29.75 12.20 7.99
C PHE B 218 -30.77 13.34 8.06
N ASP B 219 -32.04 13.02 8.33
CA ASP B 219 -33.10 14.02 8.23
C ASP B 219 -33.01 15.10 9.31
N GLU B 220 -32.57 14.76 10.53
CA GLU B 220 -32.38 15.79 11.53
C GLU B 220 -31.24 16.74 11.17
N ALA B 221 -30.30 16.28 10.33
CA ALA B 221 -29.17 17.11 9.88
C ALA B 221 -29.55 18.02 8.72
N ILE B 222 -30.42 17.55 7.82
CA ILE B 222 -30.95 18.44 6.78
C ILE B 222 -31.90 19.47 7.36
N ALA B 223 -32.68 19.09 8.39
CA ALA B 223 -33.66 20.02 8.97
C ALA B 223 -32.99 21.31 9.41
N GLU B 224 -31.71 21.24 9.75
CA GLU B 224 -30.94 22.34 10.31
C GLU B 224 -29.67 22.59 9.50
N LEU B 225 -29.79 22.89 8.19
CA LEU B 225 -28.53 23.25 7.51
C LEU B 225 -28.12 24.69 7.80
N ASP B 226 -28.92 25.43 8.57
CA ASP B 226 -28.52 26.74 9.07
C ASP B 226 -27.25 26.66 9.91
N THR B 227 -27.07 25.55 10.65
CA THR B 227 -25.99 25.40 11.63
C THR B 227 -24.71 24.77 11.05
N LEU B 228 -24.48 24.88 9.74
CA LEU B 228 -23.20 24.45 9.21
C LEU B 228 -22.17 25.57 9.29
N SER B 229 -20.96 25.20 9.72
CA SER B 229 -19.85 26.12 9.89
C SER B 229 -19.02 26.17 8.59
N GLU B 230 -18.24 27.25 8.45
CA GLU B 230 -17.41 27.44 7.26
C GLU B 230 -16.26 26.42 7.12
N GLU B 231 -15.82 25.80 8.21
CA GLU B 231 -14.75 24.81 8.12
C GLU B 231 -15.27 23.37 8.09
N SER B 232 -16.50 23.13 8.52
CA SER B 232 -17.02 21.79 8.68
C SER B 232 -18.12 21.41 7.70
N TYR B 233 -18.61 22.35 6.87
CA TYR B 233 -19.71 21.99 5.99
C TYR B 233 -19.26 20.98 4.93
N LYS B 234 -18.00 21.02 4.51
CA LYS B 234 -17.48 19.99 3.62
C LYS B 234 -17.48 18.61 4.29
N ASP B 235 -17.03 18.54 5.54
CA ASP B 235 -16.94 17.25 6.23
C ASP B 235 -18.32 16.75 6.65
N SER B 236 -19.25 17.66 6.93
CA SER B 236 -20.57 17.24 7.38
C SER B 236 -21.45 16.80 6.22
N THR B 237 -21.40 17.51 5.09
CA THR B 237 -22.17 17.04 3.95
C THR B 237 -21.62 15.73 3.39
N LEU B 238 -20.32 15.49 3.47
CA LEU B 238 -19.81 14.20 2.97
C LEU B 238 -20.43 13.04 3.74
N ILE B 239 -20.45 13.13 5.08
CA ILE B 239 -21.01 12.05 5.91
C ILE B 239 -22.49 11.86 5.62
N MET B 240 -23.23 12.97 5.44
CA MET B 240 -24.64 12.87 5.13
C MET B 240 -24.87 12.12 3.84
N GLN B 241 -23.94 12.22 2.89
CA GLN B 241 -24.07 11.46 1.65
C GLN B 241 -23.83 9.97 1.88
N LEU B 242 -22.84 9.64 2.74
CA LEU B 242 -22.61 8.23 3.05
C LEU B 242 -23.71 7.64 3.93
N LEU B 243 -24.41 8.47 4.71
CA LEU B 243 -25.60 8.00 5.41
C LEU B 243 -26.64 7.50 4.43
N ARG B 244 -26.92 8.28 3.38
CA ARG B 244 -27.99 7.90 2.50
C ARG B 244 -27.53 6.88 1.46
N ASP B 245 -26.23 6.63 1.37
CA ASP B 245 -25.77 5.51 0.55
C ASP B 245 -25.84 4.20 1.31
N ASN B 246 -25.51 4.23 2.60
CA ASN B 246 -25.77 3.07 3.44
C ASN B 246 -27.25 2.79 3.47
N LEU B 247 -28.07 3.84 3.46
CA LEU B 247 -29.51 3.66 3.36
C LEU B 247 -29.90 3.03 2.02
N THR B 248 -29.51 3.65 0.91
CA THR B 248 -29.86 3.15 -0.42
C THR B 248 -29.34 1.73 -0.66
N LEU B 249 -28.13 1.42 -0.18
CA LEU B 249 -27.63 0.06 -0.31
C LEU B 249 -28.48 -0.92 0.49
N TRP B 250 -28.82 -0.55 1.73
CA TRP B 250 -29.41 -1.49 2.67
C TRP B 250 -30.86 -1.81 2.33
N THR B 251 -31.56 -0.97 1.60
CA THR B 251 -32.95 -1.22 1.25
C THR B 251 -33.14 -1.75 -0.17
N SER B 252 -32.05 -2.15 -0.84
CA SER B 252 -32.16 -2.80 -2.13
C SER B 252 -31.44 -4.14 -2.13
N TRP C 2 4.75 14.19 -16.84
CA TRP C 2 4.62 12.83 -16.33
C TRP C 2 6.01 12.23 -16.00
N ARG C 3 6.20 10.94 -16.17
CA ARG C 3 7.49 10.35 -15.94
C ARG C 3 7.78 9.17 -16.80
N SER C 4 8.99 8.69 -16.79
CA SER C 4 9.39 7.62 -17.69
C SER C 4 8.83 6.29 -17.22
N MET C 5 8.20 5.56 -18.16
CA MET C 5 7.60 4.26 -17.93
C MET C 5 8.61 3.11 -18.05
N TPO C 6 8.38 2.06 -17.26
CA TPO C 6 9.23 0.86 -17.23
CB TPO C 6 10.37 1.03 -16.19
CG2 TPO C 6 11.42 1.94 -16.80
OG1 TPO C 6 9.93 1.69 -15.02
P TPO C 6 10.74 1.25 -13.71
O1P TPO C 6 11.55 -0.10 -13.98
O2P TPO C 6 9.78 1.00 -12.45
O3P TPO C 6 11.64 2.37 -13.33
C TPO C 6 8.40 -0.41 -16.95
O TPO C 6 7.29 -0.35 -16.45
N VAL C 7 8.95 -1.57 -17.32
CA VAL C 7 8.25 -2.86 -17.16
C VAL C 7 9.23 -3.98 -16.84
N VAL C 8 8.79 -4.95 -16.06
CA VAL C 8 9.52 -6.19 -15.87
C VAL C 8 8.64 -7.24 -16.53
N PRO C 9 8.38 -7.10 -17.84
CA PRO C 9 7.02 -7.36 -18.34
C PRO C 9 6.42 -8.63 -17.80
N TYR C 10 5.43 -8.50 -16.92
CA TYR C 10 4.69 -9.65 -16.44
C TYR C 10 4.05 -10.36 -17.62
N LEU C 11 4.40 -11.63 -17.81
CA LEU C 11 3.88 -12.45 -18.91
C LEU C 11 3.02 -13.57 -18.36
N TRP D 2 -20.30 -4.00 -3.19
CA TRP D 2 -20.35 -2.78 -2.40
C TRP D 2 -20.74 -3.06 -0.93
N ARG D 3 -19.92 -2.55 0.00
CA ARG D 3 -20.01 -2.85 1.43
C ARG D 3 -20.66 -1.70 2.19
N SER D 4 -20.83 -1.92 3.51
CA SER D 4 -21.24 -0.85 4.40
C SER D 4 -20.11 0.16 4.54
N MET D 5 -20.42 1.44 4.36
CA MET D 5 -19.42 2.52 4.48
C MET D 5 -19.34 3.16 5.87
N TPO D 6 -18.12 3.58 6.23
CA TPO D 6 -17.81 4.07 7.58
CB TPO D 6 -17.33 2.91 8.48
CG2 TPO D 6 -18.48 1.94 8.79
OG1 TPO D 6 -16.27 2.27 7.79
P TPO D 6 -15.22 1.48 8.72
O1P TPO D 6 -15.77 0.12 8.95
O2P TPO D 6 -13.81 1.36 7.94
O3P TPO D 6 -14.83 2.17 10.12
C TPO D 6 -16.75 5.15 7.52
O TPO D 6 -16.01 5.26 6.54
N VAL D 7 -16.64 5.96 8.57
CA VAL D 7 -15.67 7.04 8.57
C VAL D 7 -14.80 7.11 9.82
N VAL D 8 -14.36 8.36 10.07
CA VAL D 8 -13.64 8.86 11.24
C VAL D 8 -13.54 10.37 11.04
N PRO D 9 -14.64 11.12 11.23
CA PRO D 9 -14.77 12.52 10.78
C PRO D 9 -13.73 13.18 9.87
N TYR D 10 -12.42 13.10 10.17
CA TYR D 10 -11.39 13.90 9.51
C TYR D 10 -11.66 15.39 9.70
N LEU D 11 -11.15 15.96 10.80
CA LEU D 11 -11.37 17.38 11.09
C LEU D 11 -10.39 18.26 10.34
#